data_8CHL
#
_entry.id   8CHL
#
_cell.length_a   70.582
_cell.length_b   70.582
_cell.length_c   84.263
_cell.angle_alpha   90.000
_cell.angle_beta   90.000
_cell.angle_gamma   120.000
#
_symmetry.space_group_name_H-M   'P 61'
#
loop_
_entity.id
_entity.type
_entity.pdbx_description
1 polymer 'Peptidyl-prolyl cis-trans isomerase FKBP1A'
2 non-polymer (1~{S},5~{S},6~{R})-10-[3,5-bis(chloranyl)phenyl]sulfonyl-5-ethenyl-3-(pyridin-2-ylmethyl)-3,10-diazabicyclo[4.3.1]decan-2-one
3 non-polymer 'DIMETHYL SULFOXIDE'
4 non-polymer GLYCEROL
5 non-polymer 'CADMIUM ION'
6 non-polymer 'SULFATE ION'
7 water water
#
_entity_poly.entity_id   1
_entity_poly.type   'polypeptide(L)'
_entity_poly.pdbx_seq_one_letter_code
;GVQVETISPGDGRTFPKRGQTVVVHYTGMLEDGKKFDSSRDRNKPFKFMLGKQEVIRGWEEGVAQMSVGQRAKLTISPDY
AYGATGHPGIIPPHATLVFDVELLKLE
;
_entity_poly.pdbx_strand_id   A,B
#
loop_
_chem_comp.id
_chem_comp.type
_chem_comp.name
_chem_comp.formula
CD non-polymer 'CADMIUM ION' 'Cd 2'
DMS non-polymer 'DIMETHYL SULFOXIDE' 'C2 H6 O S'
GOL non-polymer GLYCEROL 'C3 H8 O3'
SO4 non-polymer 'SULFATE ION' 'O4 S -2'
USV non-polymer (1~{S},5~{S},6~{R})-10-[3,5-bis(chloranyl)phenyl]sulfonyl-5-ethenyl-3-(pyridin-2-ylmethyl)-3,10-diazabicyclo[4.3.1]decan-2-one 'C22 H23 Cl2 N3 O3 S'
#
# COMPACT_ATOMS: atom_id res chain seq x y z
N GLY A 1 -2.15 7.13 -19.38
CA GLY A 1 -3.44 6.82 -18.74
C GLY A 1 -3.52 5.35 -18.33
N VAL A 2 -4.74 4.86 -18.23
CA VAL A 2 -5.01 3.48 -17.89
C VAL A 2 -5.94 2.94 -18.95
N GLN A 3 -5.56 1.76 -19.46
CA GLN A 3 -6.40 0.97 -20.33
C GLN A 3 -6.98 -0.17 -19.53
N VAL A 4 -8.28 -0.39 -19.71
CA VAL A 4 -8.99 -1.46 -19.05
C VAL A 4 -9.47 -2.42 -20.12
N GLU A 5 -9.05 -3.68 -20.00
CA GLU A 5 -9.43 -4.75 -20.94
C GLU A 5 -10.04 -5.87 -20.14
N THR A 6 -11.26 -6.34 -20.49
CA THR A 6 -11.91 -7.29 -19.61
C THR A 6 -11.35 -8.68 -19.90
N ILE A 7 -11.23 -9.44 -18.83
CA ILE A 7 -10.84 -10.83 -18.90
C ILE A 7 -12.08 -11.69 -18.70
N SER A 8 -12.77 -11.50 -17.57
CA SER A 8 -14.02 -12.20 -17.30
C SER A 8 -15.04 -11.25 -16.71
N PRO A 9 -16.31 -11.43 -17.00
CA PRO A 9 -17.25 -10.36 -16.68
C PRO A 9 -17.72 -10.28 -15.24
N GLY A 10 -18.05 -9.04 -14.82
CA GLY A 10 -18.70 -8.80 -13.55
C GLY A 10 -20.22 -8.72 -13.68
N ASP A 11 -20.85 -8.12 -12.70
CA ASP A 11 -22.29 -8.05 -12.66
C ASP A 11 -22.80 -6.97 -13.59
N GLY A 12 -21.92 -6.10 -14.10
CA GLY A 12 -22.35 -5.04 -15.00
C GLY A 12 -23.25 -3.97 -14.38
N ARG A 13 -23.27 -3.92 -13.04
CA ARG A 13 -24.20 -3.08 -12.26
C ARG A 13 -23.47 -2.34 -11.14
N THR A 14 -22.51 -3.00 -10.47
CA THR A 14 -21.96 -2.46 -9.26
C THR A 14 -20.53 -2.02 -9.48
N PHE A 15 -20.35 -0.72 -9.66
CA PHE A 15 -19.07 -0.14 -9.98
C PHE A 15 -18.69 0.80 -8.86
N PRO A 16 -17.51 0.62 -8.26
CA PRO A 16 -17.16 1.39 -7.09
C PRO A 16 -16.99 2.86 -7.37
N LYS A 17 -17.29 3.66 -6.35
CA LYS A 17 -17.12 5.09 -6.43
C LYS A 17 -16.35 5.58 -5.20
N ARG A 18 -15.99 6.86 -5.24
CA ARG A 18 -15.18 7.50 -4.20
C ARG A 18 -15.77 7.22 -2.83
N GLY A 19 -14.90 6.76 -1.94
CA GLY A 19 -15.27 6.53 -0.56
C GLY A 19 -15.68 5.08 -0.26
N GLN A 20 -15.86 4.26 -1.30
CA GLN A 20 -16.22 2.86 -1.10
C GLN A 20 -14.99 2.02 -0.85
N THR A 21 -15.18 0.97 -0.06
CA THR A 21 -14.15 0.00 0.22
C THR A 21 -14.26 -1.16 -0.75
N VAL A 22 -13.20 -1.29 -1.55
CA VAL A 22 -13.16 -2.22 -2.65
C VAL A 22 -12.25 -3.33 -2.16
N VAL A 23 -12.68 -4.57 -2.40
CA VAL A 23 -11.91 -5.75 -2.07
C VAL A 23 -11.59 -6.50 -3.36
N VAL A 24 -10.29 -6.75 -3.57
CA VAL A 24 -9.82 -7.32 -4.80
C VAL A 24 -8.77 -8.39 -4.55
N HIS A 25 -8.59 -9.24 -5.56
CA HIS A 25 -7.35 -9.98 -5.74
C HIS A 25 -6.61 -9.35 -6.91
N TYR A 26 -5.27 -9.40 -6.90
CA TYR A 26 -4.57 -8.81 -8.03
C TYR A 26 -3.20 -9.44 -8.18
N THR A 27 -2.68 -9.35 -9.41
N THR A 27 -2.68 -9.34 -9.42
CA THR A 27 -1.27 -9.56 -9.68
CA THR A 27 -1.29 -9.60 -9.76
C THR A 27 -0.76 -8.33 -10.42
C THR A 27 -0.76 -8.33 -10.42
N GLY A 28 0.38 -7.81 -9.95
CA GLY A 28 1.02 -6.71 -10.61
C GLY A 28 2.30 -7.13 -11.29
N MET A 29 2.44 -6.67 -12.53
CA MET A 29 3.55 -6.98 -13.40
C MET A 29 4.12 -5.72 -14.00
N LEU A 30 5.38 -5.75 -14.39
CA LEU A 30 5.95 -4.70 -15.22
C LEU A 30 5.58 -5.01 -16.65
N GLU A 31 5.14 -4.02 -17.42
CA GLU A 31 5.01 -4.24 -18.86
C GLU A 31 6.40 -4.60 -19.39
N ASP A 32 6.43 -5.59 -20.24
CA ASP A 32 7.71 -6.03 -20.80
C ASP A 32 8.63 -6.56 -19.70
N GLY A 33 8.02 -7.01 -18.61
CA GLY A 33 8.74 -7.70 -17.57
C GLY A 33 7.85 -8.70 -16.85
N LYS A 34 8.21 -9.02 -15.62
CA LYS A 34 7.56 -10.07 -14.83
C LYS A 34 6.68 -9.54 -13.70
N LYS A 35 6.00 -10.47 -13.03
CA LYS A 35 5.27 -10.18 -11.81
C LYS A 35 6.24 -9.58 -10.79
N PHE A 36 5.74 -8.62 -10.04
CA PHE A 36 6.45 -8.05 -8.91
C PHE A 36 5.66 -8.23 -7.59
N ASP A 37 4.34 -8.46 -7.64
CA ASP A 37 3.54 -8.61 -6.44
C ASP A 37 2.19 -9.22 -6.78
N SER A 38 1.59 -9.91 -5.80
CA SER A 38 0.23 -10.37 -5.96
C SER A 38 -0.42 -10.54 -4.60
N SER A 39 -1.73 -10.37 -4.58
CA SER A 39 -2.56 -10.62 -3.40
C SER A 39 -2.60 -12.10 -3.09
N ARG A 40 -2.59 -12.89 -4.18
CA ARG A 40 -2.98 -14.29 -4.13
C ARG A 40 -1.84 -15.13 -3.54
N ASP A 41 -0.64 -14.54 -3.45
CA ASP A 41 0.50 -15.18 -2.83
C ASP A 41 0.17 -15.58 -1.39
N ARG A 42 -0.40 -14.64 -0.61
CA ARG A 42 -0.80 -14.88 0.76
C ARG A 42 -2.27 -15.28 0.84
N ASN A 43 -3.02 -14.99 -0.23
CA ASN A 43 -4.45 -15.26 -0.36
C ASN A 43 -5.31 -14.31 0.47
N LYS A 44 -4.73 -13.37 1.26
CA LYS A 44 -5.50 -12.33 1.94
C LYS A 44 -5.88 -11.25 0.92
N PRO A 45 -7.17 -10.88 0.78
CA PRO A 45 -7.57 -9.96 -0.29
C PRO A 45 -7.04 -8.58 0.05
N PHE A 46 -6.89 -7.76 -0.99
CA PHE A 46 -6.40 -6.41 -0.85
C PHE A 46 -7.61 -5.52 -0.76
N LYS A 47 -7.57 -4.58 0.18
CA LYS A 47 -8.70 -3.69 0.36
C LYS A 47 -8.20 -2.25 0.28
N PHE A 48 -9.00 -1.38 -0.37
CA PHE A 48 -8.64 0.03 -0.39
C PHE A 48 -9.92 0.82 -0.58
N MET A 49 -9.81 2.12 -0.27
CA MET A 49 -10.93 3.03 -0.38
C MET A 49 -10.70 3.87 -1.60
N LEU A 50 -11.63 3.75 -2.56
CA LEU A 50 -11.50 4.49 -3.79
C LEU A 50 -11.54 5.98 -3.54
N GLY A 51 -10.71 6.67 -4.30
CA GLY A 51 -10.77 8.11 -4.41
C GLY A 51 -10.11 8.84 -3.26
N LYS A 52 -9.35 8.11 -2.40
CA LYS A 52 -8.62 8.70 -1.30
C LYS A 52 -7.13 8.78 -1.67
N GLN A 53 -6.79 8.49 -2.93
CA GLN A 53 -5.42 8.50 -3.43
C GLN A 53 -4.54 7.66 -2.51
N GLU A 54 -5.05 6.50 -2.05
CA GLU A 54 -4.18 5.59 -1.37
C GLU A 54 -3.65 4.49 -2.29
N VAL A 55 -4.09 4.48 -3.55
CA VAL A 55 -3.50 3.66 -4.59
C VAL A 55 -3.19 4.60 -5.76
N ILE A 56 -2.42 4.12 -6.69
CA ILE A 56 -2.01 4.84 -7.88
C ILE A 56 -3.22 5.24 -8.71
N ARG A 57 -3.01 6.29 -9.47
CA ARG A 57 -4.08 6.91 -10.27
C ARG A 57 -4.69 5.90 -11.23
N GLY A 58 -3.88 5.02 -11.82
CA GLY A 58 -4.44 4.06 -12.76
C GLY A 58 -5.43 3.11 -12.10
N TRP A 59 -5.20 2.80 -10.83
CA TRP A 59 -6.15 2.01 -10.07
C TRP A 59 -7.42 2.82 -9.79
N GLU A 60 -7.24 4.05 -9.35
CA GLU A 60 -8.37 4.93 -9.09
C GLU A 60 -9.29 4.98 -10.29
N GLU A 61 -8.73 5.21 -11.48
CA GLU A 61 -9.54 5.36 -12.67
C GLU A 61 -9.95 3.99 -13.25
N GLY A 62 -9.09 2.98 -13.16
CA GLY A 62 -9.38 1.73 -13.78
C GLY A 62 -10.35 0.87 -12.98
N VAL A 63 -10.17 0.76 -11.66
CA VAL A 63 -11.08 -0.05 -10.86
C VAL A 63 -12.48 0.58 -10.85
N ALA A 64 -12.59 1.89 -11.02
CA ALA A 64 -13.88 2.51 -11.14
C ALA A 64 -14.65 2.07 -12.38
N GLN A 65 -13.94 1.53 -13.40
CA GLN A 65 -14.57 0.99 -14.59
C GLN A 65 -14.92 -0.48 -14.48
N MET A 66 -14.67 -1.08 -13.33
CA MET A 66 -14.90 -2.51 -13.13
C MET A 66 -16.16 -2.68 -12.30
N SER A 67 -16.89 -3.76 -12.57
CA SER A 67 -18.02 -4.14 -11.71
C SER A 67 -17.66 -5.35 -10.87
N VAL A 68 -18.47 -5.51 -9.82
CA VAL A 68 -18.18 -6.57 -8.88
C VAL A 68 -18.26 -7.91 -9.58
N GLY A 69 -17.25 -8.76 -9.36
CA GLY A 69 -17.13 -10.03 -10.06
C GLY A 69 -16.16 -10.02 -11.25
N GLN A 70 -15.88 -8.82 -11.77
CA GLN A 70 -15.10 -8.71 -12.98
C GLN A 70 -13.64 -8.98 -12.69
N ARG A 71 -12.97 -9.58 -13.68
CA ARG A 71 -11.53 -9.61 -13.76
C ARG A 71 -11.15 -8.84 -15.01
N ALA A 72 -10.17 -7.96 -14.86
CA ALA A 72 -9.75 -7.11 -15.97
C ALA A 72 -8.24 -6.91 -15.90
N LYS A 73 -7.69 -6.58 -17.07
CA LYS A 73 -6.29 -6.23 -17.20
C LYS A 73 -6.22 -4.70 -17.25
N LEU A 74 -5.42 -4.11 -16.37
CA LEU A 74 -5.18 -2.67 -16.36
C LEU A 74 -3.77 -2.45 -16.86
N THR A 75 -3.63 -1.58 -17.87
CA THR A 75 -2.33 -1.19 -18.36
C THR A 75 -2.17 0.28 -18.00
N ILE A 76 -1.15 0.58 -17.22
CA ILE A 76 -1.04 1.87 -16.56
C ILE A 76 0.31 2.53 -16.90
N SER A 77 0.24 3.69 -17.55
CA SER A 77 1.44 4.43 -17.90
C SER A 77 2.11 4.97 -16.62
N PRO A 78 3.42 5.28 -16.67
CA PRO A 78 4.16 5.71 -15.49
C PRO A 78 3.53 6.90 -14.79
N ASP A 79 3.00 7.85 -15.56
CA ASP A 79 2.45 9.03 -14.95
C ASP A 79 1.17 8.71 -14.14
N TYR A 80 0.57 7.55 -14.42
CA TYR A 80 -0.56 7.05 -13.66
C TYR A 80 -0.15 5.96 -12.69
N ALA A 81 1.16 5.77 -12.50
CA ALA A 81 1.65 4.78 -11.57
C ALA A 81 2.69 5.47 -10.69
N TYR A 82 3.97 5.09 -10.78
CA TYR A 82 4.99 5.65 -9.90
C TYR A 82 6.06 6.49 -10.62
N GLY A 83 5.71 6.95 -11.83
CA GLY A 83 6.43 8.04 -12.47
C GLY A 83 7.91 7.77 -12.72
N ALA A 84 8.69 8.88 -12.67
CA ALA A 84 10.12 8.82 -12.97
C ALA A 84 10.88 8.11 -11.86
N THR A 85 10.37 8.16 -10.63
CA THR A 85 11.13 7.61 -9.52
C THR A 85 10.96 6.11 -9.38
N GLY A 86 9.72 5.64 -9.55
CA GLY A 86 9.38 4.28 -9.16
C GLY A 86 9.52 4.05 -7.66
N HIS A 87 9.67 2.76 -7.34
CA HIS A 87 9.98 2.28 -5.99
C HIS A 87 11.15 1.35 -6.15
N PRO A 88 12.36 1.89 -6.05
CA PRO A 88 13.56 1.09 -6.33
C PRO A 88 13.58 -0.24 -5.65
N GLY A 89 13.88 -1.30 -6.43
CA GLY A 89 13.93 -2.66 -5.90
C GLY A 89 12.64 -3.42 -6.24
N ILE A 90 11.55 -2.71 -6.57
CA ILE A 90 10.33 -3.41 -6.95
C ILE A 90 9.74 -2.83 -8.24
N ILE A 91 9.69 -1.51 -8.38
CA ILE A 91 9.16 -0.84 -9.58
C ILE A 91 10.26 0.09 -10.07
N PRO A 92 10.84 -0.15 -11.26
CA PRO A 92 11.90 0.70 -11.75
C PRO A 92 11.40 2.06 -12.20
N PRO A 93 12.30 2.99 -12.51
CA PRO A 93 11.91 4.28 -13.05
C PRO A 93 11.10 4.11 -14.34
N HIS A 94 10.15 5.04 -14.55
CA HIS A 94 9.45 5.17 -15.81
C HIS A 94 8.77 3.87 -16.23
N ALA A 95 8.23 3.11 -15.24
CA ALA A 95 7.68 1.80 -15.56
C ALA A 95 6.19 1.88 -15.89
N THR A 96 5.80 1.29 -17.02
CA THR A 96 4.42 0.96 -17.33
C THR A 96 4.08 -0.32 -16.59
N LEU A 97 2.92 -0.34 -15.91
CA LEU A 97 2.52 -1.47 -15.10
C LEU A 97 1.33 -2.16 -15.75
N VAL A 98 1.26 -3.47 -15.55
CA VAL A 98 0.11 -4.25 -15.94
C VAL A 98 -0.41 -4.95 -14.71
N PHE A 99 -1.73 -4.87 -14.51
CA PHE A 99 -2.33 -5.60 -13.41
C PHE A 99 -3.42 -6.51 -13.92
N ASP A 100 -3.52 -7.69 -13.32
CA ASP A 100 -4.68 -8.55 -13.44
C ASP A 100 -5.44 -8.34 -12.13
N VAL A 101 -6.63 -7.71 -12.21
CA VAL A 101 -7.41 -7.36 -11.04
C VAL A 101 -8.74 -8.10 -11.09
N GLU A 102 -9.13 -8.63 -9.93
CA GLU A 102 -10.44 -9.24 -9.77
C GLU A 102 -11.17 -8.49 -8.66
N LEU A 103 -12.28 -7.85 -9.01
CA LEU A 103 -13.04 -7.11 -8.03
C LEU A 103 -14.03 -8.04 -7.35
N LEU A 104 -13.84 -8.27 -6.05
CA LEU A 104 -14.59 -9.32 -5.35
C LEU A 104 -15.91 -8.80 -4.77
N LYS A 105 -15.85 -7.64 -4.12
CA LYS A 105 -16.99 -7.16 -3.34
C LYS A 105 -16.73 -5.74 -2.86
N LEU A 106 -17.82 -5.07 -2.45
CA LEU A 106 -17.75 -3.82 -1.73
C LEU A 106 -18.07 -4.11 -0.27
N GLU A 107 -17.26 -3.53 0.61
CA GLU A 107 -17.33 -3.75 2.04
C GLU A 107 -17.27 -2.42 2.79
N GLY B 1 6.52 -8.05 18.86
CA GLY B 1 5.64 -6.88 18.91
C GLY B 1 6.26 -5.70 18.16
N VAL B 2 5.83 -4.50 18.55
CA VAL B 2 6.36 -3.28 18.00
C VAL B 2 6.89 -2.42 19.13
N GLN B 3 8.06 -1.85 18.93
CA GLN B 3 8.66 -0.89 19.80
C GLN B 3 8.62 0.47 19.11
N VAL B 4 8.32 1.51 19.86
CA VAL B 4 8.27 2.86 19.34
C VAL B 4 9.33 3.67 20.10
N GLU B 5 10.19 4.32 19.34
CA GLU B 5 11.18 5.24 19.90
C GLU B 5 11.02 6.60 19.24
N THR B 6 10.86 7.68 20.04
CA THR B 6 10.62 8.98 19.45
C THR B 6 11.94 9.54 18.97
N ILE B 7 11.91 10.09 17.76
CA ILE B 7 13.02 10.77 17.16
C ILE B 7 12.82 12.26 17.34
N SER B 8 11.63 12.77 17.01
CA SER B 8 11.31 14.14 17.30
C SER B 8 9.85 14.22 17.70
N PRO B 9 9.49 15.11 18.63
CA PRO B 9 8.16 15.05 19.25
C PRO B 9 7.10 15.61 18.33
N GLY B 10 5.88 15.06 18.49
CA GLY B 10 4.72 15.67 17.86
C GLY B 10 3.96 16.53 18.87
N ASP B 11 2.73 16.84 18.52
CA ASP B 11 1.96 17.79 19.34
C ASP B 11 1.45 17.19 20.64
N GLY B 12 1.53 15.85 20.79
CA GLY B 12 1.07 15.15 21.97
C GLY B 12 -0.45 15.20 22.18
N ARG B 13 -1.18 15.53 21.13
CA ARG B 13 -2.61 15.74 21.18
C ARG B 13 -3.37 15.02 20.08
N THR B 14 -2.78 14.96 18.89
CA THR B 14 -3.49 14.52 17.72
C THR B 14 -3.03 13.14 17.31
N PHE B 15 -3.83 12.14 17.64
CA PHE B 15 -3.43 10.74 17.46
C PHE B 15 -4.41 9.99 16.54
N PRO B 16 -3.98 9.08 15.66
CA PRO B 16 -4.87 8.48 14.69
C PRO B 16 -5.78 7.45 15.32
N LYS B 17 -6.90 7.22 14.65
CA LYS B 17 -7.80 6.15 15.03
C LYS B 17 -8.53 5.66 13.76
N ARG B 18 -9.20 4.51 13.89
CA ARG B 18 -9.91 3.89 12.78
C ARG B 18 -10.81 4.90 12.10
N GLY B 19 -10.86 4.86 10.75
CA GLY B 19 -11.85 5.65 10.03
C GLY B 19 -11.40 7.06 9.64
N GLN B 20 -10.08 7.31 9.78
CA GLN B 20 -9.42 8.51 9.33
C GLN B 20 -8.45 8.15 8.23
N THR B 21 -8.19 9.10 7.33
CA THR B 21 -7.04 8.97 6.43
C THR B 21 -5.80 9.46 7.16
N VAL B 22 -4.88 8.54 7.48
CA VAL B 22 -3.64 8.87 8.17
C VAL B 22 -2.57 9.11 7.12
N VAL B 23 -1.85 10.20 7.23
CA VAL B 23 -0.88 10.60 6.22
C VAL B 23 0.50 10.72 6.85
N VAL B 24 1.45 9.91 6.31
CA VAL B 24 2.81 9.83 6.83
C VAL B 24 3.84 9.90 5.72
N HIS B 25 5.06 10.21 6.15
CA HIS B 25 6.25 9.83 5.40
C HIS B 25 6.89 8.67 6.14
N TYR B 26 7.46 7.74 5.37
CA TYR B 26 8.18 6.66 6.03
C TYR B 26 9.39 6.27 5.18
N THR B 27 10.36 5.66 5.88
CA THR B 27 11.40 4.87 5.28
C THR B 27 11.41 3.55 6.00
N GLY B 28 11.33 2.45 5.23
CA GLY B 28 11.40 1.12 5.76
C GLY B 28 12.77 0.49 5.51
N MET B 29 13.27 -0.13 6.58
CA MET B 29 14.56 -0.79 6.56
C MET B 29 14.42 -2.18 7.14
N LEU B 30 15.34 -3.06 6.76
CA LEU B 30 15.48 -4.33 7.43
C LEU B 30 16.35 -4.09 8.65
N GLU B 31 15.99 -4.65 9.80
CA GLU B 31 16.78 -4.41 11.00
C GLU B 31 18.29 -4.60 10.82
N ASP B 32 18.64 -5.72 10.27
CA ASP B 32 20.06 -6.04 10.13
C ASP B 32 20.48 -5.84 8.69
N GLY B 33 19.87 -4.85 8.05
CA GLY B 33 20.15 -4.54 6.67
C GLY B 33 19.86 -3.07 6.41
N LYS B 34 19.50 -2.77 5.16
CA LYS B 34 19.41 -1.42 4.66
C LYS B 34 17.96 -1.06 4.34
N LYS B 35 17.79 0.18 3.90
CA LYS B 35 16.52 0.67 3.41
C LYS B 35 16.00 -0.24 2.31
N PHE B 36 14.69 -0.46 2.31
CA PHE B 36 14.04 -1.19 1.25
C PHE B 36 12.96 -0.37 0.57
N ASP B 37 12.42 0.70 1.20
CA ASP B 37 11.37 1.51 0.58
C ASP B 37 11.26 2.84 1.31
N SER B 38 10.79 3.88 0.62
CA SER B 38 10.54 5.16 1.27
C SER B 38 9.54 5.98 0.48
N SER B 39 8.62 6.58 1.19
CA SER B 39 7.72 7.59 0.60
C SER B 39 8.43 8.91 0.28
N ARG B 40 9.62 9.18 0.86
N ARG B 40 9.61 9.12 0.89
CA ARG B 40 10.32 10.43 0.59
CA ARG B 40 10.37 10.34 0.70
C ARG B 40 11.09 10.40 -0.73
C ARG B 40 11.02 10.39 -0.70
N ASP B 41 11.27 9.22 -1.34
CA ASP B 41 12.01 9.17 -2.61
C ASP B 41 11.24 9.96 -3.68
N ARG B 42 9.92 9.75 -3.74
CA ARG B 42 9.05 10.49 -4.64
C ARG B 42 8.44 11.72 -3.97
N ASN B 43 8.57 11.81 -2.64
CA ASN B 43 7.99 12.89 -1.87
C ASN B 43 6.47 12.92 -2.02
N LYS B 44 5.88 11.73 -2.15
CA LYS B 44 4.43 11.56 -2.12
C LYS B 44 4.11 10.82 -0.83
N PRO B 45 3.46 11.46 0.16
CA PRO B 45 3.15 10.79 1.41
C PRO B 45 2.26 9.57 1.26
N PHE B 46 2.42 8.62 2.16
CA PHE B 46 1.61 7.42 2.24
C PHE B 46 0.35 7.73 3.03
N LYS B 47 -0.76 7.24 2.50
CA LYS B 47 -2.06 7.37 3.15
C LYS B 47 -2.62 5.99 3.44
N PHE B 48 -3.18 5.80 4.62
CA PHE B 48 -3.76 4.53 4.98
C PHE B 48 -4.82 4.76 6.04
N MET B 49 -5.59 3.73 6.33
CA MET B 49 -6.57 3.79 7.41
C MET B 49 -6.28 2.71 8.44
N LEU B 50 -6.44 3.08 9.71
N LEU B 50 -6.46 3.05 9.71
CA LEU B 50 -6.43 2.13 10.82
CA LEU B 50 -6.37 2.07 10.78
C LEU B 50 -7.67 1.25 10.80
C LEU B 50 -7.67 1.29 10.90
N GLY B 51 -7.53 0.06 11.40
CA GLY B 51 -8.67 -0.77 11.73
C GLY B 51 -9.21 -1.58 10.55
N LYS B 52 -8.59 -1.43 9.37
CA LYS B 52 -9.09 -2.01 8.13
C LYS B 52 -8.14 -3.13 7.67
N GLN B 53 -7.25 -3.56 8.56
CA GLN B 53 -6.24 -4.56 8.25
C GLN B 53 -5.45 -4.20 6.98
N GLU B 54 -5.19 -2.91 6.74
CA GLU B 54 -4.60 -2.43 5.50
C GLU B 54 -3.06 -2.34 5.55
N VAL B 55 -2.53 -2.32 6.76
CA VAL B 55 -1.11 -2.25 7.02
C VAL B 55 -0.76 -3.32 8.03
N ILE B 56 0.53 -3.64 8.10
CA ILE B 56 1.04 -4.63 9.02
C ILE B 56 0.69 -4.28 10.45
N ARG B 57 0.60 -5.29 11.29
CA ARG B 57 0.15 -5.12 12.65
C ARG B 57 1.00 -4.10 13.40
N GLY B 58 2.32 -4.17 13.17
CA GLY B 58 3.21 -3.26 13.87
C GLY B 58 2.90 -1.79 13.56
N TRP B 59 2.41 -1.53 12.34
CA TRP B 59 1.99 -0.18 12.00
C TRP B 59 0.68 0.19 12.66
N GLU B 60 -0.27 -0.73 12.66
CA GLU B 60 -1.55 -0.49 13.30
C GLU B 60 -1.32 -0.08 14.75
N GLU B 61 -0.47 -0.81 15.46
CA GLU B 61 -0.23 -0.56 16.87
C GLU B 61 0.78 0.57 17.06
N GLY B 62 1.78 0.68 16.20
CA GLY B 62 2.83 1.68 16.39
C GLY B 62 2.41 3.08 15.97
N VAL B 63 1.86 3.25 14.78
CA VAL B 63 1.45 4.57 14.32
C VAL B 63 0.34 5.13 15.18
N ALA B 64 -0.49 4.28 15.78
CA ALA B 64 -1.49 4.76 16.71
C ALA B 64 -0.89 5.44 17.93
N GLN B 65 0.39 5.19 18.23
CA GLN B 65 1.06 5.81 19.36
C GLN B 65 1.64 7.17 19.03
N MET B 66 1.59 7.56 17.75
CA MET B 66 2.24 8.78 17.31
C MET B 66 1.23 9.92 17.24
N SER B 67 1.72 11.13 17.56
CA SER B 67 0.92 12.33 17.33
C SER B 67 1.43 13.12 16.15
N VAL B 68 0.55 13.98 15.60
CA VAL B 68 0.91 14.71 14.41
C VAL B 68 2.16 15.56 14.69
N GLY B 69 3.11 15.48 13.74
CA GLY B 69 4.38 16.15 13.88
C GLY B 69 5.49 15.21 14.36
N GLN B 70 5.11 14.08 14.96
CA GLN B 70 6.10 13.21 15.56
C GLN B 70 6.84 12.47 14.46
N ARG B 71 8.12 12.25 14.68
CA ARG B 71 8.92 11.32 13.91
C ARG B 71 9.37 10.25 14.88
N ALA B 72 9.21 9.00 14.50
CA ALA B 72 9.53 7.90 15.41
C ALA B 72 10.10 6.74 14.64
N LYS B 73 10.85 5.93 15.38
CA LYS B 73 11.37 4.67 14.92
C LYS B 73 10.45 3.56 15.41
N LEU B 74 9.92 2.76 14.49
CA LEU B 74 9.16 1.57 14.85
C LEU B 74 10.01 0.36 14.55
N THR B 75 10.18 -0.52 15.54
CA THR B 75 10.87 -1.77 15.35
C THR B 75 9.83 -2.87 15.48
N ILE B 76 9.69 -3.65 14.40
CA ILE B 76 8.55 -4.55 14.27
C ILE B 76 9.02 -5.98 14.03
N SER B 77 8.68 -6.89 14.94
CA SER B 77 9.05 -8.30 14.78
C SER B 77 8.33 -8.91 13.60
N PRO B 78 8.85 -10.01 13.05
CA PRO B 78 8.23 -10.62 11.85
C PRO B 78 6.76 -10.94 12.05
N ASP B 79 6.38 -11.42 13.25
CA ASP B 79 5.00 -11.82 13.46
C ASP B 79 4.06 -10.61 13.46
N TYR B 80 4.63 -9.40 13.58
CA TYR B 80 3.87 -8.17 13.45
C TYR B 80 4.12 -7.49 12.11
N ALA B 81 4.80 -8.21 11.21
CA ALA B 81 5.10 -7.67 9.89
C ALA B 81 4.70 -8.70 8.85
N TYR B 82 5.64 -9.29 8.10
CA TYR B 82 5.30 -10.20 7.03
C TYR B 82 5.69 -11.64 7.34
N GLY B 83 6.07 -11.93 8.57
CA GLY B 83 6.16 -13.31 9.05
C GLY B 83 7.17 -14.17 8.29
N ALA B 84 6.84 -15.48 8.17
CA ALA B 84 7.68 -16.44 7.48
C ALA B 84 7.75 -16.23 5.97
N THR B 85 6.70 -15.66 5.38
N THR B 85 6.63 -15.76 5.37
CA THR B 85 6.63 -15.57 3.94
CA THR B 85 6.54 -15.51 3.94
C THR B 85 7.40 -14.36 3.41
C THR B 85 7.51 -14.42 3.51
N GLY B 86 7.37 -13.22 4.12
CA GLY B 86 8.04 -12.03 3.63
C GLY B 86 7.49 -11.54 2.27
N HIS B 87 8.34 -10.81 1.56
CA HIS B 87 8.13 -10.50 0.15
C HIS B 87 9.48 -10.66 -0.52
N PRO B 88 9.92 -11.91 -0.79
CA PRO B 88 11.30 -12.17 -1.18
C PRO B 88 11.81 -11.25 -2.29
N GLY B 89 13.06 -10.83 -2.11
CA GLY B 89 13.68 -9.85 -2.99
C GLY B 89 13.67 -8.45 -2.39
N ILE B 90 12.68 -8.16 -1.53
CA ILE B 90 12.64 -6.86 -0.89
C ILE B 90 12.54 -7.00 0.63
N ILE B 91 11.59 -7.82 1.10
CA ILE B 91 11.49 -8.15 2.53
C ILE B 91 11.68 -9.65 2.72
N PRO B 92 12.79 -10.10 3.28
CA PRO B 92 13.00 -11.55 3.37
C PRO B 92 12.09 -12.24 4.38
N PRO B 93 12.01 -13.57 4.34
CA PRO B 93 11.37 -14.33 5.39
C PRO B 93 11.93 -13.96 6.75
N HIS B 94 11.04 -13.99 7.76
CA HIS B 94 11.38 -13.80 9.15
C HIS B 94 12.13 -12.49 9.38
N ALA B 95 11.76 -11.42 8.68
CA ALA B 95 12.49 -10.17 8.81
C ALA B 95 11.87 -9.28 9.89
N THR B 96 12.71 -8.81 10.80
CA THR B 96 12.39 -7.69 11.64
C THR B 96 12.58 -6.41 10.84
N LEU B 97 11.57 -5.55 10.87
CA LEU B 97 11.56 -4.31 10.14
C LEU B 97 11.76 -3.11 11.08
N VAL B 98 12.41 -2.10 10.55
CA VAL B 98 12.56 -0.85 11.24
C VAL B 98 12.04 0.23 10.31
N PHE B 99 11.13 1.05 10.82
CA PHE B 99 10.64 2.18 10.06
C PHE B 99 10.96 3.50 10.75
N ASP B 100 11.33 4.46 9.90
CA ASP B 100 11.36 5.85 10.31
C ASP B 100 10.10 6.51 9.76
N VAL B 101 9.18 6.89 10.66
CA VAL B 101 7.85 7.39 10.31
C VAL B 101 7.68 8.80 10.84
N GLU B 102 7.10 9.66 10.00
CA GLU B 102 6.68 10.99 10.43
C GLU B 102 5.19 11.09 10.14
N LEU B 103 4.42 11.36 11.18
CA LEU B 103 3.00 11.52 11.03
C LEU B 103 2.69 12.97 10.66
N LEU B 104 2.12 13.18 9.46
CA LEU B 104 1.98 14.50 8.87
C LEU B 104 0.64 15.15 9.16
N LYS B 105 -0.45 14.41 8.98
CA LYS B 105 -1.79 14.97 9.18
C LYS B 105 -2.82 13.86 9.25
N LEU B 106 -3.99 14.21 9.78
CA LEU B 106 -5.16 13.34 9.73
C LEU B 106 -6.19 14.01 8.81
N GLU B 107 -6.73 13.24 7.88
CA GLU B 107 -7.61 13.71 6.82
C GLU B 107 -8.83 12.79 6.72
CAC USV C . 3.57 -1.25 -5.41
CAB USV C . 4.67 -1.26 -4.57
CLAA USV C . 5.75 0.04 -4.48
CAH USV C . 4.87 -2.34 -3.73
CAF USV C . 4.03 -3.44 -3.76
CLAG USV C . 4.29 -4.86 -2.74
CAE USV C . 2.96 -3.46 -4.59
CAD USV C . 2.75 -2.35 -5.40
SAI USV C . 1.35 -2.28 -6.46
OAJ USV C . 1.00 -3.65 -6.73
OAK USV C . 1.66 -1.43 -7.59
N USV C . 0.19 -1.54 -5.56
CA USV C . -0.54 -0.36 -6.04
C USV C . -0.60 0.79 -5.09
O USV C . -1.13 1.82 -5.47
CB USV C . -1.90 -0.76 -6.48
CAO USV C . -2.63 -1.45 -5.39
CAN USV C . -1.91 -2.69 -5.00
CAM USV C . -0.53 -2.38 -4.54
CBC USV C . -0.39 -1.69 -3.20
CBD USV C . 0.01 -2.74 -2.14
CBE USV C . 1.30 -2.75 -1.49
CBB USV C . 0.51 -0.47 -3.14
NAT USV C . -0.12 0.72 -3.83
CAU USV C . -0.17 1.89 -2.91
CAV USV C . 1.17 2.34 -2.53
NAW USV C . 2.20 2.17 -3.36
CAX USV C . 3.42 2.52 -3.03
CAY USV C . 3.71 3.04 -1.79
CAZ USV C . 2.68 3.23 -0.88
CBA USV C . 1.41 2.81 -1.26
HAC USV C . 3.37 -0.41 -6.04
HAH USV C . 5.74 -2.36 -3.08
HAE USV C . 2.28 -4.29 -4.61
HA USV C . -0.03 0.02 -6.93
HB1 USV C . -1.85 -1.37 -7.34
HB2 USV C . -2.54 0.04 -6.61
HAP USV C . -3.52 -1.83 -5.72
HAQ USV C . -2.69 -0.93 -4.50
HAO USV C . -2.29 -3.19 -4.17
HAN USV C . -1.67 -3.29 -5.83
HAM USV C . 0.00 -3.33 -4.48
HBC USV C . -1.37 -1.34 -2.90
HBD USV C . -0.72 -3.50 -1.88
HBE USV C . 2.03 -1.98 -1.77
HB5 USV C . 1.50 -3.52 -0.77
HB4 USV C . 0.58 -0.16 -2.17
HBB USV C . 1.42 -0.62 -3.53
HB3 USV C . -0.65 2.74 -3.39
HAU USV C . -0.72 1.65 -2.01
HAX USV C . 4.22 2.39 -3.76
HAY USV C . 4.73 3.34 -1.54
HAZ USV C . 2.88 3.63 0.11
HBA USV C . 0.57 2.95 -0.57
S DMS D . 2.63 -7.60 -18.73
O DMS D . 2.86 -7.12 -20.16
C1 DMS D . 4.10 -8.47 -18.25
C2 DMS D . 1.47 -8.95 -18.79
H11 DMS D . 4.17 -8.51 -17.29
H12 DMS D . 4.87 -8.02 -18.61
H13 DMS D . 4.07 -9.38 -18.61
H21 DMS D . 1.85 -9.68 -19.29
H22 DMS D . 0.65 -8.66 -19.22
H23 DMS D . 1.27 -9.25 -17.90
C1 GOL E . 0.56 7.47 -2.10
O1 GOL E . -0.05 6.57 -1.18
C2 GOL E . 0.98 6.82 -3.40
O2 GOL E . 2.13 6.00 -3.20
C3 GOL E . -0.10 5.93 -4.01
O3 GOL E . -0.91 6.69 -4.89
H11 GOL E . 1.36 7.87 -1.67
H12 GOL E . -0.08 8.20 -2.30
HO1 GOL E . -0.24 6.99 -0.48
H2 GOL E . 1.21 7.53 -4.04
HO2 GOL E . 1.93 5.22 -3.50
H31 GOL E . -0.66 5.54 -3.29
H32 GOL E . 0.32 5.19 -4.50
HO3 GOL E . -1.36 7.25 -4.44
C1 GOL F . 8.78 -15.25 -12.35
O1 GOL F . 9.25 -16.58 -12.21
C2 GOL F . 7.28 -15.20 -12.53
O2 GOL F . 6.68 -14.54 -11.43
C3 GOL F . 6.87 -14.59 -13.85
O3 GOL F . 6.04 -13.43 -13.84
H11 GOL F . 9.22 -14.83 -13.13
H12 GOL F . 9.03 -14.74 -11.54
HO1 GOL F . 10.09 -16.59 -12.05
H2 GOL F . 6.95 -16.13 -12.53
HO2 GOL F . 6.23 -13.91 -11.71
H31 GOL F . 6.41 -15.28 -14.38
H32 GOL F . 7.70 -14.35 -14.35
HO3 GOL F . 5.71 -13.39 -13.05
C1 GOL G . -19.67 -16.01 -14.62
O1 GOL G . -18.94 -15.76 -15.84
C2 GOL G . -18.85 -16.62 -13.52
O2 GOL G . -17.73 -15.79 -13.24
C3 GOL G . -19.65 -16.82 -12.24
O3 GOL G . -20.03 -15.56 -11.69
H11 GOL G . -20.41 -16.61 -14.83
H12 GOL G . -20.05 -15.15 -14.31
HO1 GOL G . -19.48 -15.44 -16.41
H2 GOL G . -18.54 -17.50 -13.82
HO2 GOL G . -17.75 -15.54 -12.44
H31 GOL G . -19.09 -17.31 -11.59
H32 GOL G . -20.46 -17.34 -12.43
HO3 GOL G . -19.33 -15.16 -11.43
CD CD H . -9.43 -14.73 -6.78
CD CD I . 5.76 -5.32 -25.25
CD CD J . 3.62 0.54 -23.49
CD CD K . -9.49 8.80 -18.58
S SO4 L . -3.27 5.39 -22.52
O1 SO4 L . -3.81 6.71 -22.31
O2 SO4 L . -2.70 4.91 -21.31
O3 SO4 L . -4.35 4.51 -22.94
O4 SO4 L . -2.27 5.40 -23.55
S SO4 M . 7.80 11.13 -10.05
O1 SO4 M . 8.60 12.18 -9.52
O2 SO4 M . 6.45 11.24 -9.54
O3 SO4 M . 8.34 9.92 -9.62
O4 SO4 M . 7.69 11.21 -11.53
CAC USV N . 6.05 -3.61 1.98
CAB USV N . 6.20 -4.21 0.79
CLAA USV N . 5.73 -5.90 0.57
CAH USV N . 6.78 -3.57 -0.28
CAF USV N . 7.15 -2.24 -0.14
CLAG USV N . 7.86 -1.41 -1.48
CAE USV N . 6.98 -1.62 1.07
CAD USV N . 6.43 -2.31 2.14
SAI USV N . 6.24 -1.61 3.72
OAJ USV N . 7.09 -0.41 3.70
OAK USV N . 6.53 -2.63 4.73
N USV N . 4.69 -1.30 3.85
CA USV N . 3.90 -1.69 5.03
C USV N . 2.60 -2.21 4.74
O USV N . 1.91 -2.67 5.67
CB USV N . 3.85 -0.54 5.98
CAO USV N . 3.29 0.69 5.30
CAN USV N . 4.08 1.09 4.13
CAM USV N . 4.28 -0.07 3.17
CBC USV N . 2.98 -0.37 2.35
CBD USV N . 3.17 0.30 1.01
CBE USV N . 3.85 -0.33 -0.13
CBB USV N . 2.71 -1.78 2.25
NAT USV N . 2.09 -2.30 3.50
CAU USV N . 0.72 -2.97 3.31
CAV USV N . 0.74 -4.02 2.39
NAW USV N . 1.80 -4.83 2.30
CAX USV N . 1.87 -5.84 1.38
CAY USV N . 0.82 -6.07 0.51
CAZ USV N . -0.29 -5.28 0.59
CBA USV N . -0.34 -4.24 1.51
HAC USV N . 5.62 -4.16 2.81
HAH USV N . 6.87 -4.07 -1.24
HAE USV N . 7.31 -0.59 1.20
HA USV N . 4.43 -2.49 5.54
HB1 USV N . 4.56 -0.39 6.75
HB2 USV N . 3.00 -0.72 6.54
HAP USV N . 3.36 1.53 5.90
HAQ USV N . 2.35 0.56 4.90
HAO USV N . 3.60 1.79 3.52
HAN USV N . 5.06 1.33 4.36
HAM USV N . 5.05 0.22 2.46
HBC USV N . 2.12 0.11 2.82
HBD USV N . 2.79 1.30 0.89
HBE USV N . 4.23 -1.34 -0.01
HB5 USV N . 3.93 0.25 -1.05
HB4 USV N . 1.98 -1.95 1.53
HBB USV N . 3.55 -2.36 2.08
HB3 USV N . 0.34 -3.38 4.25
HAU USV N . 0.01 -2.23 2.96
HAX USV N . 2.76 -6.48 1.34
HAY USV N . 0.86 -6.90 -0.20
HAZ USV N . -1.13 -5.44 -0.08
HBA USV N . -1.22 -3.60 1.55
C1 GOL O . 2.94 21.71 20.94
C1 GOL O . 3.02 21.46 21.10
O1 GOL O . 3.31 21.93 19.58
O1 GOL O . 3.12 20.10 21.52
C2 GOL O . 2.80 23.01 21.73
C2 GOL O . 3.42 22.44 22.18
O2 GOL O . 3.42 22.88 23.01
O2 GOL O . 4.10 21.79 23.27
C3 GOL O . 1.37 23.43 21.92
C3 GOL O . 2.23 23.24 22.65
O3 GOL O . 1.08 24.61 21.20
O3 GOL O . 2.26 24.57 22.15
H11 GOL O . 3.64 21.15 21.38
H11 GOL O . 2.09 21.64 20.83
H12 GOL O . 2.09 21.23 20.97
H12 GOL O . 3.60 21.59 20.31
HO1 GOL O . 3.44 21.17 19.23
HO1 GOL O . 2.89 19.62 20.87
H2 GOL O . 3.27 23.71 21.23
H2 GOL O . 4.06 23.07 21.77
HO2 GOL O . 2.86 23.06 23.61
HO2 GOL O . 3.68 22.00 23.98
H31 GOL O . 1.20 23.57 22.88
H31 GOL O . 2.23 23.28 23.64
H32 GOL O . 0.77 22.70 21.61
H32 GOL O . 1.40 22.80 22.36
HO3 GOL O . 1.78 24.88 20.82
HO3 GOL O . 2.92 24.64 21.62
CD CD P . 15.53 5.77 24.21
CD CD Q . 15.95 -7.73 16.90
CD CD R . -7.87 2.64 3.26
S SO4 S . 10.39 7.74 23.59
O1 SO4 S . 10.61 9.07 24.16
O2 SO4 S . 10.35 6.75 24.63
O3 SO4 S . 9.11 7.75 22.88
O4 SO4 S . 11.44 7.43 22.67
#